data_3WL7
#
_entry.id   3WL7
#
_cell.length_a   58.604
_cell.length_b   65.531
_cell.length_c   84.407
_cell.angle_alpha   90.00
_cell.angle_beta   90.00
_cell.angle_gamma   90.00
#
_symmetry.space_group_name_H-M   'P 21 21 21'
#
loop_
_entity.id
_entity.type
_entity.pdbx_description
1 polymer 'Oxidized polyvinyl alcohol hydrolase'
2 non-polymer pentane-2,4-dione
3 non-polymer 'CITRIC ACID'
4 water water
#
_entity_poly.entity_id   1
_entity_poly.type   'polypeptide(L)'
_entity_poly.pdbx_seq_one_letter_code
;AGAGADRTAATPAAANPAATEPVKWECPAGYEVKEGLNVDFPHKGMKRAFIVYPAKNVSGPAPVWVPMTGSVESTNDNLT
VARSGANSILADHGYTVIAPVRACANQDPNIRGERCNGPGSNGWNWNPWFEGRAADPSGEHWKNDEGPDSSFFVAMVQCV
GTKYKLDARRLFLGGI(OCS)SGGTMTNRALLFRSNFWAGGLPISGEWYVTSDDGTPLSFDDARAAVAAAPTKIHQGRVG
PYPLPAKVGPLIVMTVWGGEKDLWNCTRPDGSRFLCADYRPSTQAGSNFFSAQPDVVHVACSSTHGHMWPQLNTQEFNRW
ALDTLASHPKGSDPRSFKLTQPPEGYTCHVGPFTGLYASAWSHPQFEK
;
_entity_poly.pdbx_strand_id   A
#
# COMPACT_ATOMS: atom_id res chain seq x y z
N VAL A 23 -1.16 12.27 -16.36
CA VAL A 23 -0.53 10.98 -16.81
C VAL A 23 -0.13 10.96 -18.29
N LYS A 24 1.05 10.41 -18.55
CA LYS A 24 1.64 10.30 -19.89
C LYS A 24 1.76 8.79 -20.18
N TRP A 25 1.27 8.32 -21.32
CA TRP A 25 1.40 6.88 -21.63
C TRP A 25 2.67 6.72 -22.46
N GLU A 26 3.63 5.96 -21.94
CA GLU A 26 4.92 5.80 -22.64
C GLU A 26 5.63 4.56 -22.07
N CYS A 27 6.47 3.93 -22.88
CA CYS A 27 7.22 2.77 -22.41
C CYS A 27 8.66 2.97 -22.72
N PRO A 28 9.54 2.23 -22.02
CA PRO A 28 10.99 2.28 -22.24
C PRO A 28 11.09 1.89 -23.72
N ALA A 29 11.96 2.55 -24.48
CA ALA A 29 12.00 2.23 -25.89
C ALA A 29 12.13 0.78 -26.21
N GLY A 30 11.22 0.37 -27.08
CA GLY A 30 11.16 -0.96 -27.62
C GLY A 30 10.55 -1.97 -26.66
N TYR A 31 10.15 -1.53 -25.46
CA TYR A 31 9.57 -2.52 -24.54
C TYR A 31 8.18 -2.88 -25.03
N GLU A 32 7.91 -4.16 -25.17
CA GLU A 32 6.62 -4.59 -25.68
C GLU A 32 5.79 -5.19 -24.58
N VAL A 33 4.86 -4.42 -24.06
CA VAL A 33 3.99 -4.91 -23.01
C VAL A 33 3.07 -6.04 -23.44
N LYS A 34 2.83 -7.00 -22.55
CA LYS A 34 1.95 -8.08 -22.93
C LYS A 34 1.02 -8.44 -21.80
N GLU A 35 -0.04 -9.17 -22.14
CA GLU A 35 -0.95 -9.67 -21.14
C GLU A 35 -0.14 -10.73 -20.40
N GLY A 36 -0.39 -10.92 -19.12
CA GLY A 36 0.36 -11.89 -18.35
C GLY A 36 1.70 -11.36 -17.80
N LEU A 37 2.67 -12.25 -17.71
CA LEU A 37 3.96 -11.88 -17.13
C LEU A 37 4.84 -11.06 -18.07
N ASN A 38 5.36 -9.94 -17.57
CA ASN A 38 6.27 -9.06 -18.31
C ASN A 38 7.57 -9.07 -17.54
N VAL A 39 8.72 -9.28 -18.21
CA VAL A 39 9.96 -9.34 -17.48
C VAL A 39 10.97 -8.38 -18.08
N ASP A 40 12.13 -8.25 -17.44
CA ASP A 40 13.19 -7.36 -17.93
C ASP A 40 12.76 -5.93 -18.27
N PHE A 41 11.86 -5.37 -17.45
CA PHE A 41 11.39 -4.00 -17.67
C PHE A 41 12.51 -3.17 -17.02
N PRO A 42 13.13 -2.29 -17.79
CA PRO A 42 14.24 -1.50 -17.26
C PRO A 42 13.80 -0.31 -16.45
N HIS A 43 14.32 -0.18 -15.24
CA HIS A 43 14.03 0.95 -14.41
C HIS A 43 15.15 1.23 -13.40
N LYS A 44 15.73 2.44 -13.46
CA LYS A 44 16.80 2.88 -12.54
C LYS A 44 17.90 1.79 -12.37
N GLY A 45 18.31 1.23 -13.51
CA GLY A 45 19.36 0.22 -13.48
C GLY A 45 18.98 -1.18 -13.02
N MET A 46 17.71 -1.40 -12.74
CA MET A 46 17.25 -2.71 -12.30
C MET A 46 16.39 -3.25 -13.45
N LYS A 47 16.20 -4.58 -13.45
CA LYS A 47 15.32 -5.27 -14.41
C LYS A 47 14.16 -5.75 -13.55
N ARG A 48 12.95 -5.28 -13.86
CA ARG A 48 11.75 -5.58 -13.05
C ARG A 48 10.74 -6.41 -13.81
N ALA A 49 9.79 -7.02 -13.08
CA ALA A 49 8.75 -7.83 -13.71
C ALA A 49 7.41 -7.46 -13.08
N PHE A 50 6.35 -7.73 -13.83
CA PHE A 50 5.00 -7.43 -13.36
C PHE A 50 4.03 -8.24 -14.18
N ILE A 51 2.83 -8.45 -13.67
CA ILE A 51 1.85 -9.28 -14.38
C ILE A 51 0.60 -8.46 -14.66
N VAL A 52 0.10 -8.58 -15.89
CA VAL A 52 -1.07 -7.80 -16.29
C VAL A 52 -2.29 -8.64 -16.58
N TYR A 53 -3.44 -8.29 -15.96
CA TYR A 53 -4.69 -9.01 -16.27
C TYR A 53 -5.63 -7.94 -16.75
N PRO A 54 -5.90 -7.87 -18.05
CA PRO A 54 -6.81 -6.83 -18.56
C PRO A 54 -8.22 -6.94 -18.04
N ALA A 55 -8.86 -5.79 -17.83
CA ALA A 55 -10.25 -5.79 -17.34
C ALA A 55 -11.21 -6.54 -18.24
N LYS A 56 -12.19 -7.22 -17.62
CA LYS A 56 -13.26 -7.96 -18.33
C LYS A 56 -14.58 -7.17 -18.31
N ASN A 57 -15.38 -7.30 -19.37
CA ASN A 57 -16.71 -6.62 -19.43
C ASN A 57 -16.66 -5.08 -19.38
N VAL A 58 -15.59 -4.48 -19.88
CA VAL A 58 -15.45 -3.02 -19.84
C VAL A 58 -15.18 -2.42 -21.22
N SER A 59 -15.90 -1.36 -21.56
CA SER A 59 -15.59 -0.74 -22.83
C SER A 59 -15.01 0.63 -22.45
N GLY A 60 -13.96 1.03 -23.14
CA GLY A 60 -13.39 2.31 -22.82
C GLY A 60 -12.34 2.14 -21.75
N PRO A 61 -11.78 3.24 -21.22
CA PRO A 61 -10.73 3.17 -20.20
C PRO A 61 -11.20 2.47 -18.93
N ALA A 62 -10.35 1.58 -18.42
CA ALA A 62 -10.71 0.81 -17.24
C ALA A 62 -9.97 1.31 -16.02
N PRO A 63 -10.59 1.15 -14.86
CA PRO A 63 -9.90 1.58 -13.62
C PRO A 63 -8.78 0.55 -13.43
N VAL A 64 -7.75 0.91 -12.68
CA VAL A 64 -6.58 0.10 -12.47
C VAL A 64 -6.39 -0.28 -11.03
N TRP A 65 -6.00 -1.55 -10.82
CA TRP A 65 -5.69 -1.99 -9.46
C TRP A 65 -4.24 -2.56 -9.51
N VAL A 66 -3.39 -2.06 -8.62
CA VAL A 66 -1.97 -2.49 -8.51
C VAL A 66 -1.81 -3.10 -7.12
N PRO A 67 -2.00 -4.42 -7.03
CA PRO A 67 -1.90 -5.14 -5.74
C PRO A 67 -0.49 -5.54 -5.46
N MET A 68 -0.10 -5.41 -4.19
CA MET A 68 1.27 -5.77 -3.75
C MET A 68 1.24 -6.79 -2.64
N THR A 69 2.04 -7.86 -2.80
CA THR A 69 2.13 -8.84 -1.71
C THR A 69 2.99 -8.29 -0.55
N GLY A 70 3.14 -9.11 0.51
CA GLY A 70 3.91 -8.73 1.68
C GLY A 70 5.26 -9.40 1.72
N SER A 71 5.63 -9.85 2.91
CA SER A 71 6.97 -10.39 3.18
C SER A 71 7.19 -11.80 2.80
N VAL A 72 6.16 -12.62 3.01
CA VAL A 72 6.24 -14.06 2.72
C VAL A 72 5.36 -14.57 1.56
N GLU A 73 4.16 -14.03 1.35
CA GLU A 73 3.40 -14.56 0.21
C GLU A 73 3.98 -14.16 -1.12
N SER A 74 3.93 -15.06 -2.10
CA SER A 74 4.49 -14.69 -3.43
C SER A 74 3.54 -13.77 -4.16
N THR A 75 4.01 -13.16 -5.23
CA THR A 75 3.08 -12.34 -6.02
C THR A 75 2.00 -13.28 -6.60
N ASN A 76 2.37 -14.48 -7.08
CA ASN A 76 1.37 -15.42 -7.58
C ASN A 76 0.34 -15.76 -6.47
N ASP A 77 0.81 -15.91 -5.23
CA ASP A 77 -0.13 -16.21 -4.12
C ASP A 77 -1.11 -15.03 -3.99
N ASN A 78 -0.57 -13.84 -3.92
CA ASN A 78 -1.39 -12.64 -3.78
C ASN A 78 -2.40 -12.50 -4.90
N LEU A 79 -2.03 -12.96 -6.10
CA LEU A 79 -2.95 -12.90 -7.26
C LEU A 79 -3.92 -14.03 -7.43
N THR A 80 -3.58 -15.23 -6.95
CA THR A 80 -4.40 -16.38 -7.29
C THR A 80 -4.86 -17.29 -6.16
N VAL A 81 -4.30 -17.14 -4.97
CA VAL A 81 -4.67 -18.02 -3.85
C VAL A 81 -5.72 -17.29 -3.02
N ALA A 82 -6.90 -17.92 -2.82
CA ALA A 82 -7.97 -17.25 -2.11
C ALA A 82 -7.62 -16.67 -0.74
N ARG A 83 -6.90 -17.45 0.09
CA ARG A 83 -6.54 -16.97 1.43
C ARG A 83 -5.56 -15.81 1.39
N SER A 84 -4.94 -15.55 0.21
CA SER A 84 -3.99 -14.49 0.06
C SER A 84 -4.61 -13.29 -0.69
N GLY A 85 -5.90 -13.38 -1.02
CA GLY A 85 -6.60 -12.28 -1.68
C GLY A 85 -7.04 -12.52 -3.11
N ALA A 86 -6.42 -13.49 -3.76
CA ALA A 86 -6.71 -13.78 -5.17
C ALA A 86 -7.02 -12.49 -5.94
N ASN A 87 -6.06 -11.58 -5.95
CA ASN A 87 -6.26 -10.26 -6.52
C ASN A 87 -6.45 -10.20 -8.04
N SER A 88 -6.05 -11.25 -8.75
CA SER A 88 -6.25 -11.25 -10.18
C SER A 88 -7.74 -11.34 -10.54
N ILE A 89 -8.58 -11.79 -9.60
CA ILE A 89 -10.00 -11.93 -9.88
C ILE A 89 -10.65 -10.55 -10.03
N LEU A 90 -9.98 -9.50 -9.58
CA LEU A 90 -10.56 -8.16 -9.79
C LEU A 90 -10.65 -7.84 -11.30
N ALA A 91 -9.88 -8.54 -12.14
CA ALA A 91 -10.05 -8.28 -13.57
C ALA A 91 -11.45 -8.75 -14.02
N ASP A 92 -11.97 -9.78 -13.39
CA ASP A 92 -13.32 -10.28 -13.73
C ASP A 92 -14.35 -9.29 -13.21
N HIS A 93 -13.89 -8.32 -12.41
CA HIS A 93 -14.76 -7.30 -11.81
C HIS A 93 -14.63 -5.97 -12.57
N GLY A 94 -13.93 -5.98 -13.67
CA GLY A 94 -13.78 -4.77 -14.47
C GLY A 94 -12.60 -3.85 -14.18
N TYR A 95 -11.51 -4.38 -13.60
CA TYR A 95 -10.33 -3.58 -13.34
C TYR A 95 -9.17 -4.19 -14.07
N THR A 96 -8.30 -3.35 -14.64
CA THR A 96 -7.06 -3.90 -15.22
C THR A 96 -6.09 -3.98 -14.07
N VAL A 97 -5.67 -5.21 -13.80
CA VAL A 97 -4.79 -5.51 -12.64
C VAL A 97 -3.35 -5.52 -13.12
N ILE A 98 -2.49 -4.73 -12.50
CA ILE A 98 -1.07 -4.65 -12.92
C ILE A 98 -0.33 -4.88 -11.62
N ALA A 99 0.29 -6.06 -11.49
CA ALA A 99 0.85 -6.49 -10.21
C ALA A 99 2.34 -6.59 -10.29
N PRO A 100 3.05 -5.77 -9.53
CA PRO A 100 4.52 -5.82 -9.57
C PRO A 100 5.11 -6.95 -8.74
N VAL A 101 6.26 -7.44 -9.24
CA VAL A 101 7.07 -8.43 -8.50
C VAL A 101 8.13 -7.69 -7.67
N ARG A 102 8.35 -8.16 -6.43
CA ARG A 102 9.29 -7.50 -5.49
C ARG A 102 10.69 -7.60 -6.12
N ALA A 103 11.52 -6.57 -5.92
CA ALA A 103 12.86 -6.54 -6.52
C ALA A 103 13.68 -7.74 -5.98
N CYS A 104 13.50 -8.01 -4.67
CA CYS A 104 14.25 -9.09 -4.01
C CYS A 104 13.92 -10.48 -4.61
N ALA A 105 12.80 -10.62 -5.35
CA ALA A 105 12.42 -11.95 -5.88
C ALA A 105 13.10 -12.23 -7.22
N ASN A 106 13.87 -11.25 -7.68
CA ASN A 106 14.62 -11.41 -8.93
C ASN A 106 13.73 -11.89 -10.10
N GLN A 107 12.60 -11.19 -10.20
CA GLN A 107 11.61 -11.37 -11.25
C GLN A 107 10.80 -12.63 -11.22
N ASP A 108 10.91 -13.39 -10.12
CA ASP A 108 10.22 -14.66 -10.06
C ASP A 108 8.93 -14.44 -9.25
N PRO A 109 7.76 -14.50 -9.90
CA PRO A 109 6.54 -14.26 -9.14
C PRO A 109 6.15 -15.34 -8.19
N ASN A 110 6.91 -16.45 -8.17
CA ASN A 110 6.62 -17.52 -7.22
C ASN A 110 7.48 -17.46 -5.95
N ILE A 111 8.53 -16.63 -5.92
CA ILE A 111 9.33 -16.50 -4.69
C ILE A 111 8.41 -16.07 -3.53
N ARG A 112 8.55 -16.74 -2.38
CA ARG A 112 7.75 -16.37 -1.22
C ARG A 112 8.60 -15.53 -0.28
N GLY A 113 9.13 -16.12 0.81
CA GLY A 113 9.97 -15.34 1.71
C GLY A 113 11.48 -15.43 1.40
N GLU A 114 11.88 -16.26 0.45
CA GLU A 114 13.33 -16.48 0.20
C GLU A 114 14.02 -15.21 -0.24
N ARG A 115 15.02 -14.76 0.55
CA ARG A 115 15.74 -13.54 0.25
C ARG A 115 14.91 -12.27 0.18
N CYS A 116 13.68 -12.34 0.66
CA CYS A 116 12.79 -11.21 0.68
C CYS A 116 12.36 -10.85 2.11
N ASN A 117 12.11 -11.88 2.91
CA ASN A 117 11.54 -11.67 4.25
C ASN A 117 12.61 -11.40 5.29
N GLY A 118 12.98 -10.14 5.42
CA GLY A 118 13.99 -9.74 6.38
C GLY A 118 14.35 -8.28 6.20
N PRO A 119 15.29 -7.79 7.00
CA PRO A 119 15.75 -6.40 6.96
C PRO A 119 16.27 -5.97 5.59
N GLY A 120 16.07 -4.69 5.29
CA GLY A 120 16.53 -4.17 4.02
C GLY A 120 18.00 -3.80 4.05
N SER A 121 18.48 -3.37 2.88
CA SER A 121 19.87 -2.97 2.68
C SER A 121 19.88 -1.61 2.00
N ASN A 122 21.08 -1.01 1.92
CA ASN A 122 21.21 0.25 1.21
C ASN A 122 20.33 1.39 1.72
N GLY A 123 20.05 1.38 3.03
CA GLY A 123 19.31 2.47 3.66
C GLY A 123 17.84 2.20 3.77
N TRP A 124 17.41 1.05 3.27
CA TRP A 124 16.00 0.66 3.35
C TRP A 124 15.74 -0.16 4.60
N ASN A 125 14.55 0.07 5.17
CA ASN A 125 14.23 -0.65 6.39
C ASN A 125 13.92 -2.16 6.28
N TRP A 126 13.20 -2.52 5.24
CA TRP A 126 12.65 -3.89 5.12
C TRP A 126 12.81 -4.30 3.64
N ASN A 127 13.29 -5.53 3.37
CA ASN A 127 13.62 -5.94 2.02
C ASN A 127 12.54 -6.22 0.95
N PRO A 128 11.28 -6.56 1.33
CA PRO A 128 10.27 -6.85 0.31
C PRO A 128 10.02 -5.73 -0.71
N TRP A 129 9.99 -4.49 -0.21
CA TRP A 129 9.75 -3.33 -1.07
C TRP A 129 10.60 -2.19 -0.52
N PHE A 130 10.85 -1.18 -1.37
CA PHE A 130 11.60 -0.01 -0.91
C PHE A 130 10.53 0.90 -0.32
N GLU A 131 10.17 0.58 0.93
CA GLU A 131 9.03 1.21 1.55
C GLU A 131 9.26 2.05 2.80
N GLY A 132 10.50 2.16 3.25
CA GLY A 132 10.74 3.00 4.40
C GLY A 132 12.22 3.15 4.64
N ARG A 133 12.63 4.31 5.12
CA ARG A 133 14.08 4.49 5.39
C ARG A 133 14.47 3.73 6.65
N ALA A 134 15.71 3.25 6.66
CA ALA A 134 16.25 2.50 7.79
C ALA A 134 16.41 3.41 9.02
N ALA A 135 16.53 2.78 10.19
CA ALA A 135 16.62 3.56 11.43
C ALA A 135 17.99 4.16 11.67
N ASP A 136 18.98 3.70 10.91
CA ASP A 136 20.31 4.24 11.07
C ASP A 136 20.59 5.31 10.03
N PRO A 137 21.71 6.00 10.15
CA PRO A 137 22.02 7.05 9.19
C PRO A 137 22.09 6.71 7.73
N SER A 138 22.22 5.42 7.41
CA SER A 138 22.27 5.07 6.01
C SER A 138 20.93 5.40 5.35
N GLY A 139 19.86 5.55 6.13
CA GLY A 139 18.57 5.85 5.52
C GLY A 139 18.33 7.31 5.21
N GLU A 140 19.28 8.18 5.59
CA GLU A 140 19.05 9.61 5.42
C GLU A 140 18.60 10.03 4.03
N HIS A 141 19.25 9.49 3.02
CA HIS A 141 18.94 9.89 1.65
C HIS A 141 17.51 9.62 1.26
N TRP A 142 16.90 8.61 1.89
CA TRP A 142 15.50 8.29 1.52
C TRP A 142 14.49 9.21 2.20
N LYS A 143 14.95 10.16 3.01
CA LYS A 143 14.00 11.15 3.59
C LYS A 143 13.31 11.95 2.48
N ASN A 144 13.97 12.16 1.36
CA ASN A 144 13.23 12.89 0.36
C ASN A 144 13.35 12.41 -1.08
N ASP A 145 13.57 11.10 -1.24
CA ASP A 145 13.65 10.44 -2.53
C ASP A 145 12.69 9.25 -2.40
N GLU A 146 11.69 9.18 -3.29
CA GLU A 146 10.67 8.12 -3.19
C GLU A 146 11.25 6.72 -3.23
N GLY A 147 12.40 6.55 -3.86
CA GLY A 147 12.93 5.20 -3.97
C GLY A 147 12.53 4.51 -5.27
N PRO A 148 13.26 3.44 -5.64
CA PRO A 148 12.97 2.74 -6.90
C PRO A 148 11.72 1.98 -7.05
N ASP A 149 11.00 1.65 -5.98
CA ASP A 149 9.78 0.97 -6.25
C ASP A 149 8.65 1.97 -6.57
N SER A 150 8.58 3.07 -5.81
CA SER A 150 7.53 4.07 -6.06
C SER A 150 7.64 4.55 -7.52
N SER A 151 8.86 4.82 -7.98
CA SER A 151 9.00 5.31 -9.37
C SER A 151 8.73 4.21 -10.41
N PHE A 152 9.13 2.96 -10.08
CA PHE A 152 8.88 1.85 -10.98
C PHE A 152 7.40 1.71 -11.19
N PHE A 153 6.60 1.76 -10.14
CA PHE A 153 5.19 1.54 -10.36
C PHE A 153 4.55 2.56 -11.31
N VAL A 154 5.01 3.80 -11.23
CA VAL A 154 4.50 4.85 -12.13
C VAL A 154 4.90 4.50 -13.58
N ALA A 155 6.16 4.16 -13.80
CA ALA A 155 6.64 3.77 -15.14
C ALA A 155 5.89 2.52 -15.69
N MET A 156 5.61 1.57 -14.79
CA MET A 156 4.91 0.36 -15.10
C MET A 156 3.49 0.66 -15.60
N VAL A 157 2.75 1.48 -14.84
CA VAL A 157 1.39 1.76 -15.21
C VAL A 157 1.40 2.62 -16.51
N GLN A 158 2.38 3.51 -16.64
CA GLN A 158 2.42 4.37 -17.84
C GLN A 158 2.69 3.56 -19.10
N CYS A 159 3.45 2.50 -18.93
CA CYS A 159 3.77 1.63 -20.04
C CYS A 159 2.56 0.74 -20.40
N VAL A 160 1.89 0.15 -19.39
CA VAL A 160 0.78 -0.72 -19.71
C VAL A 160 -0.32 0.07 -20.46
N GLY A 161 -0.44 1.34 -20.10
CA GLY A 161 -1.48 2.22 -20.66
C GLY A 161 -1.25 2.53 -22.12
N THR A 162 -0.12 2.11 -22.68
CA THR A 162 0.07 2.31 -24.12
C THR A 162 -0.58 1.13 -24.86
N LYS A 163 -0.88 0.01 -24.19
CA LYS A 163 -1.47 -1.17 -24.82
C LYS A 163 -2.93 -1.41 -24.46
N TYR A 164 -3.28 -1.09 -23.21
CA TYR A 164 -4.62 -1.25 -22.70
C TYR A 164 -5.15 0.13 -22.32
N LYS A 165 -6.44 0.36 -22.50
CA LYS A 165 -7.03 1.66 -22.18
C LYS A 165 -7.21 1.78 -20.66
N LEU A 166 -6.48 2.69 -20.04
CA LEU A 166 -6.58 2.85 -18.56
C LEU A 166 -7.17 4.21 -18.22
N ASP A 167 -8.00 4.22 -17.20
CA ASP A 167 -8.64 5.47 -16.74
C ASP A 167 -7.65 6.21 -15.86
N ALA A 168 -7.11 7.33 -16.35
CA ALA A 168 -6.09 8.10 -15.59
C ALA A 168 -6.57 8.73 -14.28
N ARG A 169 -7.89 8.75 -14.07
CA ARG A 169 -8.45 9.29 -12.83
C ARG A 169 -8.78 8.14 -11.86
N ARG A 170 -8.41 6.91 -12.21
CA ARG A 170 -8.77 5.77 -11.33
C ARG A 170 -7.63 4.76 -11.27
N LEU A 171 -6.44 5.28 -10.96
CA LEU A 171 -5.25 4.41 -10.84
C LEU A 171 -5.06 4.19 -9.30
N PHE A 172 -5.29 2.95 -8.83
CA PHE A 172 -5.26 2.63 -7.42
C PHE A 172 -4.25 1.58 -7.10
N LEU A 173 -3.54 1.73 -5.96
CA LEU A 173 -2.59 0.66 -5.59
C LEU A 173 -2.91 0.24 -4.17
N GLY A 174 -2.43 -0.94 -3.74
CA GLY A 174 -2.77 -1.35 -2.39
C GLY A 174 -2.04 -2.63 -2.08
N GLY A 175 -2.07 -3.04 -0.83
CA GLY A 175 -1.34 -4.25 -0.52
C GLY A 175 -1.43 -4.56 0.96
N ILE A 176 -0.85 -5.71 1.34
CA ILE A 176 -0.88 -6.21 2.71
C ILE A 176 0.52 -6.21 3.34
N SER A 178 4.09 -5.56 4.26
CA SER A 178 5.05 -4.67 3.60
C SER A 178 4.46 -4.02 2.35
N GLY A 179 3.53 -4.70 1.67
CA GLY A 179 2.89 -4.07 0.52
C GLY A 179 1.98 -2.94 0.97
N GLY A 180 1.44 -3.07 2.16
CA GLY A 180 0.65 -1.99 2.74
C GLY A 180 1.55 -0.78 3.09
N THR A 181 2.74 -1.04 3.61
CA THR A 181 3.69 0.00 3.95
C THR A 181 4.09 0.68 2.62
N MET A 182 4.26 -0.12 1.60
CA MET A 182 4.65 0.48 0.30
C MET A 182 3.51 1.32 -0.24
N THR A 183 2.27 0.92 0.00
CA THR A 183 1.10 1.73 -0.46
C THR A 183 1.18 3.10 0.20
N ASN A 184 1.38 3.10 1.51
CA ASN A 184 1.52 4.37 2.24
C ASN A 184 2.65 5.24 1.63
N ARG A 185 3.82 4.64 1.38
CA ARG A 185 4.92 5.43 0.83
C ARG A 185 4.58 5.98 -0.53
N ALA A 186 3.96 5.16 -1.36
CA ALA A 186 3.63 5.60 -2.73
C ALA A 186 2.59 6.72 -2.71
N LEU A 187 1.63 6.65 -1.80
CA LEU A 187 0.61 7.70 -1.75
C LEU A 187 1.24 9.04 -1.30
N LEU A 188 2.23 9.00 -0.41
CA LEU A 188 2.82 10.21 0.12
C LEU A 188 3.77 10.88 -0.89
N PHE A 189 4.48 10.06 -1.67
CA PHE A 189 5.41 10.60 -2.69
C PHE A 189 4.79 10.81 -4.11
N ARG A 190 3.70 10.13 -4.44
CA ARG A 190 3.12 10.23 -5.79
C ARG A 190 1.62 10.52 -5.72
N SER A 191 1.26 11.47 -4.85
CA SER A 191 -0.13 11.82 -4.69
C SER A 191 -0.67 12.58 -5.86
N ASN A 192 0.17 12.93 -6.84
CA ASN A 192 -0.37 13.58 -8.03
C ASN A 192 -0.48 12.60 -9.19
N PHE A 193 -0.23 11.32 -8.91
CA PHE A 193 -0.35 10.28 -9.93
C PHE A 193 -1.51 9.35 -9.58
N TRP A 194 -1.37 8.62 -8.47
CA TRP A 194 -2.43 7.69 -8.06
C TRP A 194 -3.72 8.40 -7.69
N ALA A 195 -4.85 7.73 -7.87
CA ALA A 195 -6.12 8.35 -7.41
C ALA A 195 -6.38 7.95 -5.96
N GLY A 196 -5.63 6.97 -5.45
CA GLY A 196 -5.94 6.50 -4.10
C GLY A 196 -5.30 5.13 -3.87
N GLY A 197 -5.60 4.51 -2.72
CA GLY A 197 -4.97 3.26 -2.43
C GLY A 197 -5.62 2.58 -1.22
N LEU A 198 -5.18 1.36 -1.00
CA LEU A 198 -5.73 0.49 0.02
C LEU A 198 -4.56 -0.13 0.84
N PRO A 199 -4.04 0.63 1.81
CA PRO A 199 -2.93 0.14 2.65
C PRO A 199 -3.54 -0.76 3.76
N ILE A 200 -3.38 -2.07 3.59
CA ILE A 200 -3.92 -3.03 4.59
C ILE A 200 -2.80 -3.44 5.52
N SER A 201 -2.96 -3.06 6.79
CA SER A 201 -1.97 -3.40 7.84
C SER A 201 -0.56 -3.09 7.42
N GLY A 202 -0.37 -1.86 6.98
CA GLY A 202 0.98 -1.43 6.63
C GLY A 202 1.58 -0.65 7.78
N GLU A 203 2.90 -0.51 7.78
CA GLU A 203 3.58 0.31 8.78
C GLU A 203 3.60 1.79 8.39
N TRP A 204 3.90 2.62 9.41
CA TRP A 204 4.13 4.06 9.27
C TRP A 204 5.57 4.36 9.76
N TYR A 205 6.10 3.50 10.62
CA TYR A 205 7.45 3.64 11.20
C TYR A 205 7.53 5.00 11.90
N VAL A 206 6.61 5.16 12.83
CA VAL A 206 6.51 6.43 13.55
C VAL A 206 7.87 6.91 14.11
N THR A 207 8.13 8.21 13.91
CA THR A 207 9.36 8.84 14.45
C THR A 207 8.95 10.04 15.30
N SER A 208 9.93 10.66 15.94
CA SER A 208 9.63 11.92 16.65
C SER A 208 9.38 13.00 15.62
N ASP A 209 8.87 14.16 16.08
CA ASP A 209 8.64 15.25 15.11
C ASP A 209 9.92 15.69 14.39
N ASP A 210 11.08 15.52 15.01
CA ASP A 210 12.32 15.96 14.38
C ASP A 210 12.92 14.91 13.45
N GLY A 211 12.19 13.81 13.26
CA GLY A 211 12.63 12.76 12.35
C GLY A 211 13.43 11.66 13.00
N THR A 212 13.77 11.81 14.27
CA THR A 212 14.55 10.78 14.94
C THR A 212 13.86 9.41 14.92
N PRO A 213 14.51 8.37 14.36
CA PRO A 213 13.87 7.05 14.35
C PRO A 213 13.64 6.58 15.78
N LEU A 214 12.51 5.92 15.98
CA LEU A 214 12.16 5.36 17.29
C LEU A 214 12.16 3.83 17.17
N SER A 215 12.52 3.15 18.27
CA SER A 215 12.44 1.70 18.31
C SER A 215 10.96 1.30 18.19
N PHE A 216 10.71 0.03 17.90
CA PHE A 216 9.35 -0.46 17.84
C PHE A 216 8.59 -0.02 19.13
N ASP A 217 9.18 -0.32 20.27
CA ASP A 217 8.54 0.02 21.53
C ASP A 217 8.26 1.51 21.71
N ASP A 218 9.24 2.35 21.37
CA ASP A 218 9.03 3.78 21.58
C ASP A 218 8.00 4.36 20.58
N ALA A 219 7.97 3.79 19.37
CA ALA A 219 7.05 4.24 18.32
C ALA A 219 5.64 3.88 18.76
N ARG A 220 5.51 2.68 19.34
CA ARG A 220 4.22 2.21 19.81
C ARG A 220 3.72 3.13 20.92
N ALA A 221 4.61 3.48 21.86
CA ALA A 221 4.19 4.37 22.96
C ALA A 221 3.89 5.78 22.53
N ALA A 222 4.57 6.29 21.49
CA ALA A 222 4.32 7.65 21.06
C ALA A 222 2.90 7.83 20.54
N VAL A 223 2.41 6.84 19.79
CA VAL A 223 1.06 6.98 19.29
C VAL A 223 0.07 6.81 20.44
N ALA A 224 0.32 5.85 21.32
CA ALA A 224 -0.62 5.67 22.45
C ALA A 224 -0.72 6.96 23.28
N ALA A 225 0.39 7.69 23.40
CA ALA A 225 0.40 8.92 24.17
C ALA A 225 -0.26 10.13 23.46
N ALA A 226 -0.43 10.07 22.14
CA ALA A 226 -1.01 11.20 21.35
C ALA A 226 -1.69 10.52 20.16
N PRO A 227 -2.79 9.86 20.45
CA PRO A 227 -3.48 9.13 19.37
C PRO A 227 -4.21 9.85 18.31
N THR A 228 -4.42 11.16 18.48
CA THR A 228 -5.14 11.91 17.47
C THR A 228 -4.19 12.83 16.78
N LYS A 229 -2.89 12.76 17.08
CA LYS A 229 -2.00 13.71 16.41
C LYS A 229 -1.41 13.16 15.14
N ILE A 230 -0.93 14.08 14.30
CA ILE A 230 -0.24 13.64 13.07
C ILE A 230 1.19 13.30 13.49
N HIS A 231 1.59 12.06 13.23
CA HIS A 231 2.94 11.58 13.56
C HIS A 231 3.77 11.43 12.31
N GLN A 232 5.00 11.93 12.39
CA GLN A 232 5.99 11.74 11.31
C GLN A 232 6.33 10.25 11.23
N GLY A 233 6.88 9.81 10.10
CA GLY A 233 7.24 8.40 10.02
C GLY A 233 8.24 8.11 8.89
N ARG A 234 9.05 7.05 9.08
CA ARG A 234 10.04 6.62 8.09
C ARG A 234 9.44 6.07 6.79
N VAL A 235 8.13 5.82 6.77
CA VAL A 235 7.47 5.34 5.53
C VAL A 235 7.44 6.47 4.48
N GLY A 236 7.50 7.73 4.94
CA GLY A 236 7.32 8.80 3.95
C GLY A 236 8.40 9.81 3.94
N PRO A 237 8.14 10.93 3.28
CA PRO A 237 9.09 12.04 3.20
C PRO A 237 9.28 12.54 4.64
N TYR A 238 10.44 13.13 4.94
CA TYR A 238 10.63 13.82 6.23
C TYR A 238 10.93 15.30 5.94
N PRO A 239 10.08 16.23 6.38
CA PRO A 239 8.84 16.01 7.12
C PRO A 239 7.77 15.52 6.13
N LEU A 240 6.65 15.04 6.66
CA LEU A 240 5.54 14.62 5.77
C LEU A 240 5.10 15.89 5.02
N PRO A 241 4.55 15.72 3.81
CA PRO A 241 4.08 16.87 3.02
C PRO A 241 2.92 17.64 3.69
N ALA A 242 2.94 18.98 3.57
CA ALA A 242 1.89 19.84 4.14
C ALA A 242 0.60 19.59 3.40
N LYS A 243 0.71 19.35 2.10
CA LYS A 243 -0.48 19.08 1.32
C LYS A 243 -0.20 18.07 0.24
N VAL A 244 -1.08 17.10 0.12
CA VAL A 244 -0.96 16.10 -0.94
C VAL A 244 -2.03 16.30 -1.98
N GLY A 245 -1.80 15.69 -3.15
CA GLY A 245 -2.76 15.72 -4.25
C GLY A 245 -4.08 15.03 -3.87
N PRO A 246 -5.10 15.12 -4.72
CA PRO A 246 -6.40 14.50 -4.39
C PRO A 246 -6.39 12.98 -4.40
N LEU A 247 -6.94 12.39 -3.34
CA LEU A 247 -6.89 10.95 -3.19
C LEU A 247 -8.03 10.41 -2.41
N ILE A 248 -8.31 9.11 -2.58
CA ILE A 248 -9.18 8.45 -1.60
C ILE A 248 -8.27 7.34 -1.01
N VAL A 249 -8.18 7.23 0.33
CA VAL A 249 -7.33 6.23 0.93
C VAL A 249 -8.19 5.45 1.89
N MET A 250 -8.06 4.12 1.84
CA MET A 250 -8.83 3.27 2.72
C MET A 250 -7.80 2.46 3.48
N THR A 251 -7.67 2.72 4.78
CA THR A 251 -6.66 2.02 5.61
C THR A 251 -7.38 0.92 6.36
N VAL A 252 -6.82 -0.29 6.40
CA VAL A 252 -7.52 -1.42 7.08
C VAL A 252 -6.66 -1.94 8.22
N TRP A 253 -7.31 -2.13 9.37
CA TRP A 253 -6.66 -2.70 10.59
C TRP A 253 -7.35 -4.04 10.85
N GLY A 254 -6.57 -5.08 11.20
CA GLY A 254 -7.10 -6.43 11.39
C GLY A 254 -7.46 -6.81 12.82
N GLY A 255 -7.48 -5.82 13.71
CA GLY A 255 -7.91 -6.07 15.08
C GLY A 255 -6.79 -6.41 16.04
N GLU A 256 -7.21 -6.94 17.18
CA GLU A 256 -6.27 -7.23 18.26
C GLU A 256 -5.03 -8.07 17.96
N LYS A 257 -5.16 -8.98 17.00
CA LYS A 257 -4.08 -9.85 16.63
C LYS A 257 -3.34 -9.31 15.39
N ASP A 258 -3.63 -8.09 14.94
CA ASP A 258 -2.89 -7.59 13.76
C ASP A 258 -1.50 -7.09 14.23
N LEU A 259 -0.56 -8.05 14.28
CA LEU A 259 0.79 -7.89 14.80
C LEU A 259 1.72 -8.72 13.93
N TRP A 260 3.03 -8.42 13.93
CA TRP A 260 3.97 -9.24 13.17
C TRP A 260 5.16 -9.60 14.03
N ASN A 261 5.53 -10.87 13.98
CA ASN A 261 6.69 -11.32 14.70
C ASN A 261 7.71 -11.61 13.64
N CYS A 262 8.86 -11.00 13.84
CA CYS A 262 10.04 -11.15 12.99
C CYS A 262 10.73 -12.48 13.37
N THR A 263 11.71 -12.86 12.58
CA THR A 263 12.43 -14.09 12.83
C THR A 263 13.93 -13.78 12.86
N ARG A 264 14.58 -14.23 13.92
CA ARG A 264 16.00 -13.99 14.07
C ARG A 264 16.78 -14.98 13.25
N PRO A 265 18.08 -14.71 13.05
CA PRO A 265 18.90 -15.63 12.26
C PRO A 265 18.79 -17.05 12.80
N ASP A 266 18.59 -17.18 14.11
CA ASP A 266 18.50 -18.49 14.73
C ASP A 266 17.12 -19.14 14.67
N GLY A 267 16.17 -18.48 14.00
CA GLY A 267 14.84 -19.08 13.89
C GLY A 267 13.83 -18.64 14.93
N SER A 268 14.29 -18.03 16.04
CA SER A 268 13.40 -17.60 17.10
C SER A 268 12.57 -16.44 16.62
N ARG A 269 11.41 -16.24 17.24
CA ARG A 269 10.48 -15.18 16.80
C ARG A 269 10.33 -14.10 17.87
N PHE A 270 10.02 -12.87 17.47
CA PHE A 270 9.83 -11.79 18.42
C PHE A 270 8.97 -10.70 17.81
N LEU A 271 8.16 -10.05 18.64
CA LEU A 271 7.27 -8.99 18.12
C LEU A 271 8.05 -7.80 17.58
N CYS A 272 7.74 -7.37 16.36
CA CYS A 272 8.47 -6.26 15.81
C CYS A 272 7.60 -5.23 15.13
N ALA A 273 6.30 -5.50 15.06
CA ALA A 273 5.40 -4.50 14.46
C ALA A 273 4.00 -4.68 15.03
N ASP A 274 3.34 -3.56 15.32
CA ASP A 274 1.96 -3.58 15.83
C ASP A 274 1.21 -2.63 14.88
N TYR A 275 0.18 -3.13 14.21
CA TYR A 275 -0.49 -2.28 13.22
C TYR A 275 -1.56 -1.36 13.76
N ARG A 276 -1.84 -1.46 15.05
CA ARG A 276 -2.79 -0.50 15.64
C ARG A 276 -2.21 0.96 15.52
N PRO A 277 -0.95 1.21 15.98
CA PRO A 277 -0.48 2.59 15.86
C PRO A 277 -0.22 3.06 14.45
N SER A 278 0.18 2.12 13.58
CA SER A 278 0.50 2.56 12.21
C SER A 278 -0.75 2.84 11.39
N THR A 279 -1.83 2.06 11.60
CA THR A 279 -3.04 2.35 10.86
C THR A 279 -3.64 3.63 11.46
N GLN A 280 -3.56 3.80 12.79
CA GLN A 280 -4.08 5.04 13.38
C GLN A 280 -3.30 6.24 12.80
N ALA A 281 -1.96 6.16 12.77
CA ALA A 281 -1.14 7.28 12.30
C ALA A 281 -1.46 7.60 10.88
N GLY A 282 -1.55 6.57 10.04
CA GLY A 282 -1.90 6.86 8.65
C GLY A 282 -3.25 7.53 8.55
N SER A 283 -4.24 7.07 9.33
CA SER A 283 -5.56 7.65 9.23
C SER A 283 -5.58 9.09 9.71
N ASN A 284 -4.73 9.43 10.68
CA ASN A 284 -4.70 10.79 11.17
C ASN A 284 -4.16 11.71 10.09
N PHE A 285 -3.08 11.27 9.44
CA PHE A 285 -2.49 12.11 8.43
C PHE A 285 -3.45 12.30 7.25
N PHE A 286 -3.97 11.18 6.73
CA PHE A 286 -4.83 11.32 5.56
C PHE A 286 -6.18 11.99 5.85
N SER A 287 -6.73 11.79 7.03
CA SER A 287 -7.99 12.45 7.32
C SER A 287 -7.80 13.95 7.44
N ALA A 288 -6.64 14.41 7.91
CA ALA A 288 -6.45 15.84 8.08
C ALA A 288 -6.33 16.54 6.72
N GLN A 289 -5.91 15.83 5.68
CA GLN A 289 -5.72 16.41 4.32
C GLN A 289 -7.04 16.84 3.71
N PRO A 290 -7.13 18.10 3.23
CA PRO A 290 -8.40 18.57 2.67
C PRO A 290 -8.89 17.97 1.40
N ASP A 291 -7.97 17.50 0.56
CA ASP A 291 -8.38 16.89 -0.71
C ASP A 291 -8.27 15.38 -0.67
N VAL A 292 -8.26 14.80 0.53
CA VAL A 292 -8.22 13.34 0.66
C VAL A 292 -9.45 12.83 1.41
N VAL A 293 -10.12 11.83 0.85
CA VAL A 293 -11.21 11.16 1.56
C VAL A 293 -10.50 9.98 2.22
N HIS A 294 -10.56 9.87 3.54
CA HIS A 294 -9.94 8.73 4.22
C HIS A 294 -11.00 7.84 4.81
N VAL A 295 -10.96 6.54 4.50
CA VAL A 295 -11.94 5.63 5.04
C VAL A 295 -11.17 4.72 5.98
N ALA A 296 -11.57 4.65 7.26
CA ALA A 296 -10.91 3.76 8.21
C ALA A 296 -11.76 2.50 8.35
N CYS A 297 -11.17 1.33 8.06
CA CYS A 297 -11.90 0.08 8.14
C CYS A 297 -11.25 -0.87 9.14
N SER A 298 -12.08 -1.49 9.99
CA SER A 298 -11.58 -2.45 10.97
C SER A 298 -12.17 -3.80 10.77
N SER A 299 -11.35 -4.84 10.96
CA SER A 299 -11.85 -6.20 10.90
C SER A 299 -11.19 -7.00 12.05
N THR A 300 -11.35 -8.32 12.02
CA THR A 300 -10.83 -9.16 13.14
C THR A 300 -10.01 -10.31 12.67
N HIS A 301 -9.52 -10.22 11.45
CA HIS A 301 -8.79 -11.33 10.86
C HIS A 301 -7.29 -11.40 11.15
N GLY A 302 -6.76 -10.39 11.82
CA GLY A 302 -5.34 -10.44 12.16
C GLY A 302 -4.49 -9.74 11.14
N HIS A 303 -3.28 -10.28 10.94
CA HIS A 303 -2.32 -9.71 9.99
C HIS A 303 -2.16 -10.61 8.75
N MET A 304 -3.10 -10.45 7.84
CA MET A 304 -3.09 -11.25 6.60
C MET A 304 -4.14 -10.59 5.71
N TRP A 305 -4.25 -11.02 4.48
CA TRP A 305 -5.25 -10.40 3.61
C TRP A 305 -6.60 -10.64 4.27
N PRO A 306 -7.51 -9.64 4.23
CA PRO A 306 -8.86 -9.79 4.82
C PRO A 306 -9.40 -11.19 4.51
N GLN A 307 -9.85 -11.90 5.58
CA GLN A 307 -10.27 -13.26 5.50
C GLN A 307 -11.76 -13.52 5.47
N LEU A 308 -12.52 -12.59 6.05
CA LEU A 308 -13.96 -12.78 6.09
C LEU A 308 -14.55 -12.22 4.79
N ASN A 309 -15.23 -13.06 4.01
CA ASN A 309 -15.87 -12.61 2.76
C ASN A 309 -14.84 -11.89 1.92
N THR A 310 -13.69 -12.53 1.74
CA THR A 310 -12.55 -11.93 1.03
C THR A 310 -12.86 -11.28 -0.30
N GLN A 311 -13.49 -12.03 -1.20
CA GLN A 311 -13.79 -11.41 -2.50
C GLN A 311 -14.86 -10.36 -2.43
N GLU A 312 -15.83 -10.54 -1.55
CA GLU A 312 -16.82 -9.46 -1.38
C GLU A 312 -16.11 -8.19 -0.89
N PHE A 313 -15.12 -8.34 0.02
CA PHE A 313 -14.39 -7.19 0.51
C PHE A 313 -13.59 -6.56 -0.63
N ASN A 314 -12.84 -7.36 -1.41
CA ASN A 314 -12.09 -6.77 -2.52
C ASN A 314 -13.00 -6.00 -3.46
N ARG A 315 -14.18 -6.56 -3.77
CA ARG A 315 -15.09 -5.87 -4.68
C ARG A 315 -15.57 -4.58 -4.05
N TRP A 316 -16.02 -4.65 -2.79
CA TRP A 316 -16.52 -3.47 -2.10
C TRP A 316 -15.45 -2.38 -1.99
N ALA A 317 -14.25 -2.80 -1.61
CA ALA A 317 -13.18 -1.83 -1.42
C ALA A 317 -12.77 -1.16 -2.74
N LEU A 318 -12.57 -1.91 -3.82
CA LEU A 318 -12.13 -1.26 -5.07
C LEU A 318 -13.27 -0.42 -5.65
N ASP A 319 -14.50 -0.90 -5.58
CA ASP A 319 -15.59 -0.08 -6.11
C ASP A 319 -15.76 1.17 -5.29
N THR A 320 -15.48 1.09 -3.98
CA THR A 320 -15.54 2.33 -3.13
C THR A 320 -14.46 3.31 -3.61
N LEU A 321 -13.21 2.84 -3.79
CA LEU A 321 -12.18 3.72 -4.29
C LEU A 321 -12.58 4.31 -5.65
N ALA A 322 -13.13 3.47 -6.55
CA ALA A 322 -13.51 3.93 -7.90
C ALA A 322 -14.63 4.94 -7.89
N SER A 323 -15.40 4.98 -6.83
CA SER A 323 -16.48 5.98 -6.75
C SER A 323 -15.98 7.37 -6.45
N HIS A 324 -14.67 7.51 -6.21
CA HIS A 324 -14.06 8.80 -5.94
C HIS A 324 -12.92 9.00 -6.92
N PRO A 325 -13.23 9.21 -8.23
CA PRO A 325 -12.17 9.41 -9.22
C PRO A 325 -11.32 10.64 -8.88
N LYS A 326 -10.08 10.66 -9.32
CA LYS A 326 -9.16 11.73 -8.92
C LYS A 326 -9.66 13.10 -9.23
N GLY A 327 -9.70 13.91 -8.20
CA GLY A 327 -10.14 15.29 -8.42
C GLY A 327 -11.58 15.51 -8.03
N SER A 328 -12.22 14.45 -7.55
CA SER A 328 -13.61 14.50 -7.05
C SER A 328 -13.67 15.33 -5.80
N ASP A 329 -14.86 15.89 -5.52
CA ASP A 329 -15.05 16.72 -4.32
C ASP A 329 -15.28 15.79 -3.13
N PRO A 330 -14.47 15.88 -2.08
CA PRO A 330 -14.70 15.00 -0.93
C PRO A 330 -16.11 15.09 -0.39
N ARG A 331 -16.73 16.24 -0.57
CA ARG A 331 -18.09 16.38 -0.05
C ARG A 331 -19.13 15.55 -0.77
N SER A 332 -18.79 15.08 -1.97
CA SER A 332 -19.69 14.31 -2.79
C SER A 332 -19.56 12.81 -2.51
N PHE A 333 -18.53 12.43 -1.75
CA PHE A 333 -18.34 11.00 -1.50
C PHE A 333 -19.45 10.38 -0.61
N LYS A 334 -19.91 9.18 -0.97
CA LYS A 334 -20.95 8.50 -0.20
C LYS A 334 -20.52 7.08 0.10
N LEU A 335 -20.19 6.81 1.34
CA LEU A 335 -19.76 5.45 1.69
C LEU A 335 -20.95 4.48 1.74
N THR A 336 -20.77 3.27 1.22
CA THR A 336 -21.81 2.26 1.28
C THR A 336 -21.39 1.23 2.31
N GLN A 337 -22.34 0.41 2.78
CA GLN A 337 -22.02 -0.55 3.85
C GLN A 337 -21.03 -1.62 3.43
N PRO A 338 -19.99 -1.87 4.23
CA PRO A 338 -19.06 -2.94 3.78
C PRO A 338 -19.63 -4.32 4.10
N PRO A 339 -18.97 -5.37 3.62
CA PRO A 339 -19.41 -6.73 3.85
C PRO A 339 -19.45 -7.03 5.36
N GLU A 340 -20.19 -8.08 5.67
CA GLU A 340 -20.26 -8.56 7.04
C GLU A 340 -18.80 -8.89 7.44
N GLY A 341 -18.41 -8.44 8.63
CA GLY A 341 -17.06 -8.67 9.12
C GLY A 341 -16.18 -7.45 9.17
N TYR A 342 -16.69 -6.34 8.66
CA TYR A 342 -15.99 -5.08 8.59
C TYR A 342 -16.80 -3.93 9.11
N THR A 343 -16.12 -3.00 9.78
CA THR A 343 -16.77 -1.77 10.24
C THR A 343 -15.95 -0.63 9.67
N CYS A 344 -16.57 0.30 8.95
CA CYS A 344 -15.78 1.35 8.34
C CYS A 344 -16.51 2.68 8.41
N HIS A 345 -15.74 3.78 8.40
CA HIS A 345 -16.31 5.15 8.36
C HIS A 345 -15.29 6.11 7.77
N VAL A 346 -15.77 7.28 7.36
CA VAL A 346 -14.90 8.30 6.84
C VAL A 346 -14.27 9.02 8.04
N GLY A 347 -12.96 9.24 8.00
CA GLY A 347 -12.27 9.93 9.06
C GLY A 347 -11.16 9.07 9.62
N PRO A 348 -10.55 9.52 10.72
CA PRO A 348 -9.47 8.76 11.36
C PRO A 348 -10.06 7.59 12.12
N PHE A 349 -9.26 6.59 12.43
CA PHE A 349 -9.74 5.52 13.29
C PHE A 349 -10.18 6.15 14.61
N THR A 350 -11.18 5.52 15.24
CA THR A 350 -11.67 6.00 16.51
C THR A 350 -11.77 4.83 17.47
N GLY A 351 -11.80 3.59 17.02
CA GLY A 351 -11.95 2.56 18.05
C GLY A 351 -10.69 1.89 18.53
N LEU A 352 -9.54 2.48 18.24
CA LEU A 352 -8.25 1.86 18.59
C LEU A 352 -7.60 2.35 19.87
N TYR A 353 -7.89 3.61 20.22
CA TYR A 353 -7.38 4.24 21.46
C TYR A 353 -8.52 4.98 22.11
N ALA A 354 -8.48 5.06 23.43
CA ALA A 354 -9.50 5.78 24.20
C ALA A 354 -9.48 7.25 23.82
N SER A 355 -10.65 7.88 23.75
CA SER A 355 -10.68 9.29 23.40
C SER A 355 -10.33 10.16 24.61
N ALA A 356 -9.92 11.38 24.31
CA ALA A 356 -9.57 12.38 25.32
C ALA A 356 -10.75 12.60 26.26
N TRP A 357 -11.88 13.01 25.68
CA TRP A 357 -13.09 13.33 26.43
C TRP A 357 -13.55 12.19 27.38
N SER A 358 -12.96 11.00 27.21
CA SER A 358 -13.29 9.86 28.08
C SER A 358 -12.51 9.93 29.41
#